data_9VOK
#
_entry.id   9VOK
#
_cell.length_a   156.060
_cell.length_b   40.800
_cell.length_c   41.920
_cell.angle_alpha   90.000
_cell.angle_beta   95.879
_cell.angle_gamma   90.000
#
_symmetry.space_group_name_H-M   'C 1 2 1'
#
loop_
_entity.id
_entity.type
_entity.pdbx_description
1 polymer 'Vitamin D3 receptor'
2 polymer 'Mediator of RNA polymerase II transcription subunit 1'
3 non-polymer '5-[4-{7-(4-(1,1,1,3,3,3-hexafluoro-2-hydroxypropan-2-yl)phenyl)-1,7-dicarba-closo-dodecaboran-1-yl}phenoxy]pentanoic acid'
4 water water
#
loop_
_entity_poly.entity_id
_entity_poly.type
_entity_poly.pdbx_seq_one_letter_code
_entity_poly.pdbx_strand_id
1 'polypeptide(L)'
;GSHMGSPNSPLKDSLRPKLSEEQQHIIAILLDAHHKTYDPTYADFRDFRPPVRMDGSTGSVTLDLSPLSMLPHLADLVSY
SIQKVIGFAKMIPGFRDLTSDDQIVLLKSSAIEVIMLRSNQSFTMDDMSWDCGSQDYKYDVTDVSKAGHTLELIEPLIKF
QVGLKKLNLHEEEHVLLMAICIVSPDRPGVQDAKLVEAIQDRLSNTLQTYIRCRHPPPGSHQLYAKMIQKLADLRSLNEE
HSKQYRSLSFQPENSMKLTPLVLEVFGNEIS
;
A
2 'polypeptide(L)' KNHPMLMNLLKDN C
#
loop_
_chem_comp.id
_chem_comp.type
_chem_comp.name
_chem_comp.formula
A1MAZ non-polymer '5-[4-{7-(4-(1,1,1,3,3,3-hexafluoro-2-hydroxypropan-2-yl)phenyl)-1,7-dicarba-closo-dodecaboran-1-yl}phenoxy]pentanoic acid' 'C22 H28 B10 F6 O4'
#
# COMPACT_ATOMS: atom_id res chain seq x y z
N LYS A 18 9.01 -14.71 -24.51
CA LYS A 18 9.42 -13.31 -24.44
C LYS A 18 9.72 -12.81 -23.03
N LEU A 19 9.41 -13.60 -22.00
CA LEU A 19 9.77 -13.21 -20.62
C LEU A 19 11.27 -13.47 -20.45
N SER A 20 12.08 -12.41 -20.45
CA SER A 20 13.52 -12.54 -20.40
C SER A 20 14.00 -13.07 -19.05
N GLU A 21 15.30 -13.36 -18.96
CA GLU A 21 15.85 -13.89 -17.72
C GLU A 21 15.83 -12.82 -16.63
N GLU A 22 16.27 -11.60 -16.96
CA GLU A 22 16.08 -10.45 -16.08
C GLU A 22 14.63 -10.33 -15.61
N GLN A 23 13.65 -10.51 -16.52
CA GLN A 23 12.25 -10.32 -16.11
C GLN A 23 11.81 -11.40 -15.13
N GLN A 24 12.16 -12.67 -15.40
CA GLN A 24 11.84 -13.75 -14.47
C GLN A 24 12.54 -13.51 -13.13
N HIS A 25 13.77 -12.95 -13.18
CA HIS A 25 14.49 -12.58 -11.95
C HIS A 25 13.69 -11.58 -11.14
N ILE A 26 13.30 -10.47 -11.78
CA ILE A 26 12.49 -9.42 -11.14
C ILE A 26 11.26 -10.01 -10.45
N ILE A 27 10.52 -10.88 -11.14
CA ILE A 27 9.33 -11.49 -10.56
C ILE A 27 9.69 -12.35 -9.35
N ALA A 28 10.77 -13.13 -9.45
CA ALA A 28 11.18 -13.95 -8.31
C ALA A 28 11.49 -13.10 -7.09
N ILE A 29 12.20 -11.98 -7.29
CA ILE A 29 12.59 -11.13 -6.14
C ILE A 29 11.39 -10.50 -5.49
N LEU A 30 10.43 -10.01 -6.32
CA LEU A 30 9.27 -9.32 -5.75
C LEU A 30 8.34 -10.29 -5.06
N LEU A 31 8.17 -11.51 -5.58
CA LEU A 31 7.36 -12.48 -4.88
C LEU A 31 7.95 -12.76 -3.49
N ASP A 32 9.28 -12.98 -3.45
CA ASP A 32 9.95 -13.29 -2.19
C ASP A 32 9.88 -12.11 -1.23
N ALA A 33 10.09 -10.89 -1.75
CA ALA A 33 10.03 -9.71 -0.89
C ALA A 33 8.64 -9.55 -0.26
N HIS A 34 7.57 -9.96 -0.97
CA HIS A 34 6.21 -9.89 -0.43
C HIS A 34 6.02 -10.95 0.66
N HIS A 35 6.49 -12.16 0.41
CA HIS A 35 6.25 -13.21 1.39
C HIS A 35 7.04 -12.94 2.67
N LYS A 36 8.16 -12.22 2.56
CA LYS A 36 8.92 -11.84 3.74
C LYS A 36 8.31 -10.64 4.47
N THR A 37 7.38 -9.90 3.86
CA THR A 37 6.85 -8.70 4.52
C THR A 37 5.33 -8.76 4.68
N TYR A 38 4.73 -9.88 4.32
CA TYR A 38 3.30 -10.13 4.49
C TYR A 38 3.18 -11.49 5.17
N ASP A 39 2.74 -11.47 6.42
CA ASP A 39 2.50 -12.67 7.20
C ASP A 39 1.00 -12.94 7.21
N PRO A 40 0.53 -13.98 6.53
CA PRO A 40 -0.92 -14.28 6.53
C PRO A 40 -1.43 -14.96 7.79
N THR A 41 -0.60 -15.16 8.82
CA THR A 41 -1.10 -15.66 10.09
C THR A 41 -1.65 -14.54 10.98
N TYR A 42 -1.24 -13.29 10.75
CA TYR A 42 -1.64 -12.14 11.57
C TYR A 42 -1.27 -12.36 13.03
N ALA A 43 -0.06 -12.89 13.25
CA ALA A 43 0.40 -13.16 14.61
C ALA A 43 0.61 -11.87 15.39
N ASP A 44 1.15 -10.85 14.72
CA ASP A 44 1.58 -9.63 15.41
C ASP A 44 0.42 -8.78 15.89
N PHE A 45 -0.82 -9.11 15.48
CA PHE A 45 -1.97 -8.26 15.78
C PHE A 45 -2.24 -8.15 17.28
N ARG A 46 -1.87 -9.18 18.05
CA ARG A 46 -2.06 -9.12 19.51
C ARG A 46 -1.10 -8.13 20.20
N ASP A 47 -0.12 -7.58 19.48
CA ASP A 47 0.78 -6.55 20.02
C ASP A 47 0.22 -5.14 19.89
N PHE A 48 -0.82 -4.94 19.11
CA PHE A 48 -1.38 -3.61 18.93
C PHE A 48 -2.18 -3.24 20.18
N ARG A 49 -2.47 -1.95 20.32
CA ARG A 49 -3.50 -1.59 21.26
C ARG A 49 -4.80 -2.26 20.82
N PRO A 50 -5.59 -2.77 21.77
CA PRO A 50 -6.69 -3.67 21.41
C PRO A 50 -7.86 -2.96 20.75
N PRO A 51 -8.64 -3.67 19.93
CA PRO A 51 -9.77 -3.02 19.26
C PRO A 51 -10.95 -2.89 20.22
N VAL A 52 -11.65 -1.78 20.09
CA VAL A 52 -12.78 -1.43 20.94
C VAL A 52 -13.93 -0.98 20.06
N ARG A 53 -15.14 -1.43 20.35
CA ARG A 53 -16.27 -1.23 19.46
C ARG A 53 -17.53 -0.84 20.23
N MET A 54 -17.87 -1.64 21.24
CA MET A 54 -19.08 -1.43 22.05
C MET A 54 -20.30 -1.04 21.24
N PRO A 67 -16.71 9.28 19.98
CA PRO A 67 -15.53 8.54 20.41
C PRO A 67 -14.92 7.74 19.28
N LEU A 68 -13.68 8.07 18.93
CA LEU A 68 -12.94 7.37 17.89
C LEU A 68 -12.32 6.11 18.49
N SER A 69 -13.19 5.19 18.85
CA SER A 69 -12.83 3.92 19.50
C SER A 69 -11.64 3.25 18.80
N MET A 70 -11.76 3.00 17.48
CA MET A 70 -10.80 2.16 16.78
C MET A 70 -9.53 2.89 16.37
N LEU A 71 -9.39 4.18 16.67
CA LEU A 71 -8.19 4.89 16.22
C LEU A 71 -6.90 4.33 16.84
N PRO A 72 -6.84 3.96 18.14
CA PRO A 72 -5.56 3.38 18.65
C PRO A 72 -5.20 2.07 17.95
N HIS A 73 -6.16 1.17 17.76
CA HIS A 73 -5.82 -0.12 17.17
C HIS A 73 -5.46 -0.01 15.69
N LEU A 74 -6.20 0.82 14.94
CA LEU A 74 -5.97 0.98 13.51
C LEU A 74 -4.78 1.87 13.20
N ALA A 75 -4.49 2.88 14.03
CA ALA A 75 -3.22 3.60 13.87
C ALA A 75 -2.01 2.68 14.09
N ASP A 76 -2.07 1.80 15.12
CA ASP A 76 -1.06 0.75 15.30
C ASP A 76 -0.92 -0.16 14.07
N LEU A 77 -2.04 -0.57 13.47
CA LEU A 77 -1.99 -1.38 12.25
C LEU A 77 -1.30 -0.64 11.11
N VAL A 78 -1.66 0.63 10.89
CA VAL A 78 -1.05 1.39 9.80
C VAL A 78 0.44 1.60 10.06
N SER A 79 0.82 1.79 11.34
CA SER A 79 2.22 2.07 11.63
C SER A 79 3.05 0.83 11.38
N TYR A 80 2.60 -0.32 11.88
CA TYR A 80 3.16 -1.63 11.51
C TYR A 80 3.23 -1.84 10.00
N SER A 81 2.13 -1.56 9.30
CA SER A 81 2.08 -1.77 7.84
C SER A 81 3.11 -0.91 7.12
N ILE A 82 3.37 0.31 7.61
CA ILE A 82 4.37 1.17 6.96
C ILE A 82 5.76 0.49 7.01
N GLN A 83 6.11 -0.07 8.18
CA GLN A 83 7.40 -0.74 8.29
C GLN A 83 7.48 -1.89 7.30
N LYS A 84 6.36 -2.61 7.10
CA LYS A 84 6.35 -3.72 6.13
C LYS A 84 6.47 -3.20 4.71
N VAL A 85 5.82 -2.08 4.41
CA VAL A 85 5.94 -1.52 3.06
C VAL A 85 7.37 -1.08 2.77
N ILE A 86 8.01 -0.44 3.75
CA ILE A 86 9.43 -0.05 3.61
C ILE A 86 10.30 -1.26 3.32
N GLY A 87 10.12 -2.36 4.06
CA GLY A 87 10.96 -3.52 3.81
C GLY A 87 10.73 -4.10 2.44
N PHE A 88 9.51 -3.99 1.93
CA PHE A 88 9.24 -4.44 0.57
C PHE A 88 9.94 -3.53 -0.45
N ALA A 89 9.82 -2.21 -0.25
CA ALA A 89 10.36 -1.25 -1.20
C ALA A 89 11.87 -1.40 -1.35
N LYS A 90 12.54 -1.71 -0.26
CA LYS A 90 13.99 -1.88 -0.27
C LYS A 90 14.44 -2.99 -1.19
N MET A 91 13.59 -4.01 -1.39
CA MET A 91 13.93 -5.18 -2.21
C MET A 91 13.56 -5.02 -3.69
N ILE A 92 12.81 -3.97 -4.05
CA ILE A 92 12.46 -3.73 -5.47
C ILE A 92 13.73 -3.47 -6.27
N PRO A 93 13.98 -4.19 -7.36
CA PRO A 93 15.26 -4.02 -8.06
C PRO A 93 15.40 -2.61 -8.62
N GLY A 94 16.56 -2.01 -8.38
CA GLY A 94 16.84 -0.65 -8.80
C GLY A 94 16.54 0.42 -7.78
N PHE A 95 15.67 0.14 -6.79
CA PHE A 95 15.29 1.14 -5.78
C PHE A 95 16.49 1.65 -4.99
N ARG A 96 17.44 0.76 -4.65
CA ARG A 96 18.56 1.21 -3.83
C ARG A 96 19.55 2.07 -4.60
N ASP A 97 19.48 2.10 -5.92
CA ASP A 97 20.35 3.02 -6.67
C ASP A 97 19.82 4.44 -6.70
N LEU A 98 18.66 4.70 -6.11
CA LEU A 98 18.17 6.05 -5.84
C LEU A 98 18.93 6.65 -4.65
N THR A 99 18.90 7.99 -4.55
CA THR A 99 19.38 8.66 -3.35
C THR A 99 18.33 8.57 -2.24
N SER A 100 18.82 8.60 -0.99
CA SER A 100 17.92 8.53 0.17
C SER A 100 16.86 9.63 0.13
N ASP A 101 17.20 10.81 -0.40
CA ASP A 101 16.18 11.86 -0.52
C ASP A 101 15.02 11.37 -1.39
N ASP A 102 15.34 10.81 -2.55
CA ASP A 102 14.32 10.31 -3.47
C ASP A 102 13.55 9.14 -2.87
N GLN A 103 14.26 8.18 -2.27
CA GLN A 103 13.60 7.09 -1.55
C GLN A 103 12.60 7.60 -0.52
N ILE A 104 12.94 8.68 0.19
CA ILE A 104 12.02 9.22 1.19
C ILE A 104 10.80 9.81 0.51
N VAL A 105 11.03 10.69 -0.46
CA VAL A 105 9.96 11.20 -1.29
C VAL A 105 9.00 10.08 -1.72
N LEU A 106 9.54 9.00 -2.33
CA LEU A 106 8.66 7.99 -2.94
C LEU A 106 7.86 7.25 -1.88
N LEU A 107 8.51 6.93 -0.74
CA LEU A 107 7.78 6.21 0.29
C LEU A 107 6.74 7.08 0.99
N LYS A 108 7.09 8.35 1.28
CA LYS A 108 6.11 9.27 1.88
C LYS A 108 4.84 9.37 1.05
N SER A 109 4.97 9.42 -0.28
CA SER A 109 3.84 9.65 -1.17
C SER A 109 2.98 8.40 -1.36
N SER A 110 3.61 7.22 -1.37
CA SER A 110 2.91 5.98 -1.75
C SER A 110 2.48 5.13 -0.54
N ALA A 111 2.89 5.50 0.65
CA ALA A 111 2.70 4.60 1.79
C ALA A 111 1.22 4.20 1.94
N ILE A 112 0.32 5.18 1.98
CA ILE A 112 -1.08 4.84 2.21
C ILE A 112 -1.66 4.05 1.02
N GLU A 113 -1.20 4.34 -0.22
CA GLU A 113 -1.70 3.61 -1.41
C GLU A 113 -1.27 2.14 -1.38
N VAL A 114 0.02 1.89 -1.11
CA VAL A 114 0.48 0.52 -0.99
C VAL A 114 -0.25 -0.21 0.13
N ILE A 115 -0.47 0.44 1.26
CA ILE A 115 -1.22 -0.21 2.34
C ILE A 115 -2.65 -0.57 1.85
N MET A 116 -3.34 0.37 1.22
CA MET A 116 -4.68 0.03 0.74
C MET A 116 -4.62 -1.14 -0.25
N LEU A 117 -3.63 -1.13 -1.14
CA LEU A 117 -3.49 -2.14 -2.18
C LEU A 117 -3.15 -3.51 -1.56
N ARG A 118 -2.18 -3.55 -0.63
CA ARG A 118 -1.85 -4.81 0.04
C ARG A 118 -2.94 -5.28 1.00
N SER A 119 -3.80 -4.38 1.49
CA SER A 119 -4.90 -4.88 2.31
C SER A 119 -5.89 -5.74 1.48
N ASN A 120 -5.83 -5.67 0.14
CA ASN A 120 -6.79 -6.43 -0.67
C ASN A 120 -6.69 -7.92 -0.41
N GLN A 121 -5.53 -8.39 0.06
CA GLN A 121 -5.33 -9.83 0.23
C GLN A 121 -6.25 -10.40 1.31
N SER A 122 -6.47 -9.67 2.40
CA SER A 122 -7.40 -10.11 3.43
C SER A 122 -8.83 -9.67 3.18
N PHE A 123 -9.07 -8.71 2.30
CA PHE A 123 -10.46 -8.30 2.02
C PHE A 123 -11.29 -9.47 1.49
N THR A 124 -12.50 -9.66 2.04
CA THR A 124 -13.44 -10.68 1.58
C THR A 124 -14.73 -10.03 1.10
N MET A 125 -15.06 -10.28 -0.17
CA MET A 125 -16.22 -9.66 -0.76
C MET A 125 -17.51 -10.14 -0.15
N ASP A 126 -17.45 -11.21 0.64
CA ASP A 126 -18.67 -11.80 1.22
C ASP A 126 -19.37 -10.78 2.13
N ASP A 127 -18.76 -10.42 3.25
CA ASP A 127 -19.36 -9.43 4.13
C ASP A 127 -18.69 -8.06 4.01
N MET A 128 -17.92 -7.82 2.94
CA MET A 128 -17.31 -6.54 2.64
C MET A 128 -16.41 -6.06 3.78
N SER A 129 -15.57 -6.97 4.27
CA SER A 129 -14.74 -6.68 5.41
C SER A 129 -13.35 -7.22 5.16
N TRP A 130 -12.40 -6.69 5.91
CA TRP A 130 -11.03 -7.18 5.90
C TRP A 130 -10.92 -8.19 7.04
N ASP A 131 -10.88 -9.47 6.71
CA ASP A 131 -10.85 -10.56 7.68
C ASP A 131 -9.40 -10.96 7.92
N CYS A 132 -8.73 -10.27 8.86
CA CYS A 132 -7.36 -10.64 9.22
C CYS A 132 -7.29 -11.66 10.36
N GLY A 133 -8.00 -12.78 10.23
CA GLY A 133 -7.77 -13.92 11.10
C GLY A 133 -8.90 -14.26 12.06
N SER A 134 -9.22 -13.33 12.94
CA SER A 134 -10.22 -13.53 13.98
C SER A 134 -11.29 -12.46 13.83
N GLN A 135 -12.26 -12.52 14.73
CA GLN A 135 -13.34 -11.55 14.70
C GLN A 135 -12.92 -10.21 15.31
N ASP A 136 -12.07 -10.24 16.34
CA ASP A 136 -11.46 -9.01 16.84
C ASP A 136 -10.71 -8.31 15.73
N TYR A 137 -9.98 -9.08 14.92
CA TYR A 137 -9.18 -8.55 13.82
C TYR A 137 -9.87 -8.77 12.48
N LYS A 138 -11.18 -8.52 12.46
CA LYS A 138 -11.97 -8.45 11.23
C LYS A 138 -12.63 -7.07 11.23
N TYR A 139 -12.31 -6.28 10.21
CA TYR A 139 -12.70 -4.87 10.19
C TYR A 139 -13.71 -4.61 9.08
N ASP A 140 -14.86 -3.99 9.45
CA ASP A 140 -15.88 -3.55 8.49
C ASP A 140 -15.86 -2.01 8.38
N VAL A 141 -16.82 -1.50 7.60
CA VAL A 141 -16.80 -0.08 7.26
C VAL A 141 -17.04 0.76 8.49
N THR A 142 -17.77 0.21 9.46
CA THR A 142 -18.02 0.96 10.69
C THR A 142 -16.78 0.98 11.60
N ASP A 143 -15.92 -0.05 11.54
CA ASP A 143 -14.63 0.07 12.21
C ASP A 143 -13.80 1.21 11.65
N VAL A 144 -13.75 1.33 10.30
CA VAL A 144 -12.97 2.42 9.71
C VAL A 144 -13.56 3.76 10.13
N SER A 145 -14.87 3.84 10.25
CA SER A 145 -15.50 5.06 10.74
C SER A 145 -15.06 5.40 12.15
N LYS A 146 -14.97 4.42 13.00
CA LYS A 146 -14.53 4.57 14.37
C LYS A 146 -13.06 4.92 14.49
N ALA A 147 -12.32 5.15 13.42
CA ALA A 147 -10.99 5.75 13.51
C ALA A 147 -10.96 7.20 13.05
N GLY A 148 -12.11 7.76 12.66
CA GLY A 148 -12.21 9.17 12.32
C GLY A 148 -12.41 9.48 10.83
N HIS A 149 -12.60 8.46 10.00
CA HIS A 149 -12.70 8.65 8.56
C HIS A 149 -14.16 8.57 8.14
N THR A 150 -14.50 9.28 7.05
CA THR A 150 -15.89 9.42 6.61
C THR A 150 -16.11 8.70 5.28
N LEU A 151 -17.39 8.56 4.88
CA LEU A 151 -17.62 7.80 3.67
C LEU A 151 -17.14 8.52 2.42
N GLU A 152 -16.81 9.81 2.52
CA GLU A 152 -16.08 10.49 1.46
C GLU A 152 -14.85 9.68 1.04
N LEU A 153 -14.11 9.12 2.03
CA LEU A 153 -13.04 8.15 1.74
C LEU A 153 -13.57 6.71 1.63
N ILE A 154 -14.36 6.26 2.62
CA ILE A 154 -14.67 4.83 2.75
C ILE A 154 -15.48 4.30 1.56
N GLU A 155 -16.36 5.12 0.97
CA GLU A 155 -17.15 4.63 -0.18
C GLU A 155 -16.29 4.33 -1.41
N PRO A 156 -15.41 5.23 -1.87
CA PRO A 156 -14.51 4.82 -2.98
C PRO A 156 -13.53 3.74 -2.57
N LEU A 157 -13.18 3.68 -1.27
CA LEU A 157 -12.23 2.68 -0.83
C LEU A 157 -12.82 1.27 -1.01
N ILE A 158 -14.09 1.08 -0.61
CA ILE A 158 -14.75 -0.22 -0.79
C ILE A 158 -14.87 -0.57 -2.27
N LYS A 159 -15.30 0.38 -3.09
CA LYS A 159 -15.44 0.05 -4.50
C LYS A 159 -14.07 -0.20 -5.12
N PHE A 160 -13.04 0.50 -4.65
CA PHE A 160 -11.68 0.09 -5.02
C PHE A 160 -11.43 -1.39 -4.71
N GLN A 161 -11.70 -1.82 -3.47
CA GLN A 161 -11.32 -3.19 -3.06
C GLN A 161 -12.12 -4.23 -3.85
N VAL A 162 -13.37 -3.90 -4.17
CA VAL A 162 -14.22 -4.76 -5.01
C VAL A 162 -13.64 -4.87 -6.42
N GLY A 163 -13.33 -3.72 -7.05
CA GLY A 163 -12.80 -3.75 -8.41
C GLY A 163 -11.46 -4.45 -8.52
N LEU A 164 -10.60 -4.29 -7.50
CA LEU A 164 -9.36 -5.06 -7.48
C LEU A 164 -9.65 -6.54 -7.29
N LYS A 165 -10.51 -6.88 -6.32
CA LYS A 165 -10.87 -8.28 -6.09
C LYS A 165 -11.35 -8.92 -7.38
N LYS A 166 -12.15 -8.20 -8.19
CA LYS A 166 -12.65 -8.78 -9.43
C LYS A 166 -11.59 -8.89 -10.50
N LEU A 167 -10.42 -8.25 -10.33
CA LEU A 167 -9.43 -8.42 -11.40
C LEU A 167 -8.76 -9.77 -11.31
N ASN A 168 -9.00 -10.50 -10.23
CA ASN A 168 -8.50 -11.87 -10.06
C ASN A 168 -6.97 -11.94 -10.23
N LEU A 169 -6.23 -10.92 -9.75
CA LEU A 169 -4.84 -10.79 -10.16
C LEU A 169 -4.02 -12.02 -9.77
N HIS A 170 -3.06 -12.38 -10.63
CA HIS A 170 -2.04 -13.34 -10.21
C HIS A 170 -1.18 -12.70 -9.15
N GLU A 171 -0.66 -13.52 -8.22
CA GLU A 171 0.22 -12.95 -7.21
C GLU A 171 1.39 -12.24 -7.86
N GLU A 172 1.89 -12.79 -8.97
CA GLU A 172 2.92 -12.10 -9.76
C GLU A 172 2.50 -10.68 -10.12
N GLU A 173 1.25 -10.51 -10.57
CA GLU A 173 0.81 -9.20 -10.99
C GLU A 173 0.62 -8.26 -9.79
N HIS A 174 0.06 -8.80 -8.70
CA HIS A 174 -0.20 -8.03 -7.48
C HIS A 174 1.09 -7.42 -6.93
N VAL A 175 2.21 -8.18 -6.96
CA VAL A 175 3.43 -7.63 -6.38
C VAL A 175 4.10 -6.69 -7.37
N LEU A 176 3.95 -6.92 -8.68
CA LEU A 176 4.44 -5.94 -9.66
C LEU A 176 3.70 -4.61 -9.50
N LEU A 177 2.38 -4.66 -9.30
CA LEU A 177 1.59 -3.44 -9.12
C LEU A 177 2.08 -2.63 -7.93
N MET A 178 2.44 -3.31 -6.84
CA MET A 178 2.89 -2.57 -5.63
C MET A 178 4.19 -1.83 -5.89
N ALA A 179 5.08 -2.50 -6.60
CA ALA A 179 6.37 -1.93 -6.99
C ALA A 179 6.21 -0.72 -7.88
N ILE A 180 5.39 -0.84 -8.95
CA ILE A 180 5.11 0.27 -9.85
C ILE A 180 4.50 1.45 -9.08
N CYS A 181 3.64 1.15 -8.10
CA CYS A 181 3.05 2.23 -7.30
C CYS A 181 4.14 3.05 -6.59
N ILE A 182 5.07 2.35 -5.93
CA ILE A 182 6.10 3.03 -5.15
C ILE A 182 7.00 3.87 -6.06
N VAL A 183 7.50 3.26 -7.15
CA VAL A 183 8.50 3.92 -7.98
C VAL A 183 7.88 4.73 -9.11
N SER A 184 7.26 5.86 -8.76
CA SER A 184 6.55 6.76 -9.67
C SER A 184 7.35 8.03 -9.91
N PRO A 185 7.53 8.43 -11.18
CA PRO A 185 8.34 9.62 -11.46
C PRO A 185 7.65 10.94 -11.21
N ASP A 186 6.32 10.96 -11.12
CA ASP A 186 5.56 12.21 -11.01
C ASP A 186 5.22 12.60 -9.57
N ARG A 187 5.75 11.89 -8.58
CA ARG A 187 5.48 12.24 -7.20
C ARG A 187 6.05 13.63 -6.91
N PRO A 188 5.38 14.43 -6.08
CA PRO A 188 5.86 15.80 -5.81
C PRO A 188 7.21 15.78 -5.09
N GLY A 189 8.15 16.56 -5.61
CA GLY A 189 9.46 16.70 -5.03
C GLY A 189 10.51 15.72 -5.51
N VAL A 190 10.21 14.87 -6.49
CA VAL A 190 11.20 13.94 -7.00
C VAL A 190 12.33 14.72 -7.68
N GLN A 191 13.57 14.29 -7.44
CA GLN A 191 14.74 14.99 -7.95
C GLN A 191 15.26 14.39 -9.26
N ASP A 192 15.56 13.09 -9.24
CA ASP A 192 16.04 12.40 -10.43
C ASP A 192 14.86 11.66 -11.09
N ALA A 193 13.97 12.47 -11.69
CA ALA A 193 12.84 11.88 -12.41
C ALA A 193 13.31 10.98 -13.54
N LYS A 194 14.45 11.31 -14.14
CA LYS A 194 15.07 10.45 -15.15
C LYS A 194 15.28 9.03 -14.61
N LEU A 195 16.01 8.89 -13.48
CA LEU A 195 16.30 7.55 -12.96
C LEU A 195 15.02 6.86 -12.46
N VAL A 196 14.14 7.61 -11.81
CA VAL A 196 12.89 7.03 -11.32
C VAL A 196 12.07 6.48 -12.48
N GLU A 197 12.03 7.22 -13.59
CA GLU A 197 11.25 6.78 -14.76
C GLU A 197 11.84 5.49 -15.33
N ALA A 198 13.16 5.42 -15.42
CA ALA A 198 13.80 4.23 -16.01
C ALA A 198 13.61 3.01 -15.11
N ILE A 199 13.68 3.18 -13.77
CA ILE A 199 13.35 2.08 -12.86
C ILE A 199 11.91 1.62 -13.04
N GLN A 200 10.95 2.56 -13.06
CA GLN A 200 9.57 2.15 -13.25
C GLN A 200 9.40 1.44 -14.60
N ASP A 201 10.07 1.94 -15.63
CA ASP A 201 9.88 1.38 -16.97
C ASP A 201 10.21 -0.11 -17.00
N ARG A 202 11.34 -0.52 -16.42
CA ARG A 202 11.67 -1.95 -16.39
C ARG A 202 10.59 -2.76 -15.66
N LEU A 203 9.95 -2.17 -14.65
CA LEU A 203 8.91 -2.92 -13.97
C LEU A 203 7.63 -2.97 -14.79
N SER A 204 7.24 -1.85 -15.41
CA SER A 204 6.05 -1.87 -16.29
C SER A 204 6.22 -2.84 -17.45
N ASN A 205 7.41 -2.84 -18.07
CA ASN A 205 7.66 -3.75 -19.19
C ASN A 205 7.65 -5.21 -18.72
N THR A 206 8.15 -5.48 -17.51
CA THR A 206 8.01 -6.81 -16.92
C THR A 206 6.55 -7.21 -16.81
N LEU A 207 5.72 -6.31 -16.26
CA LEU A 207 4.30 -6.60 -16.07
C LEU A 207 3.60 -6.82 -17.40
N GLN A 208 3.83 -5.93 -18.37
CA GLN A 208 3.17 -6.08 -19.68
C GLN A 208 3.58 -7.41 -20.32
N THR A 209 4.86 -7.76 -20.28
CA THR A 209 5.27 -9.03 -20.85
C THR A 209 4.69 -10.22 -20.09
N TYR A 210 4.62 -10.13 -18.75
CA TYR A 210 4.00 -11.20 -17.93
C TYR A 210 2.55 -11.45 -18.36
N ILE A 211 1.73 -10.41 -18.32
CA ILE A 211 0.35 -10.50 -18.80
C ILE A 211 0.27 -11.24 -20.16
N ARG A 212 1.04 -10.78 -21.13
CA ARG A 212 1.04 -11.35 -22.52
C ARG A 212 1.41 -12.83 -22.54
N CYS A 213 2.40 -13.21 -21.73
CA CYS A 213 2.91 -14.58 -21.73
C CYS A 213 2.21 -15.53 -20.78
N ARG A 214 1.74 -15.10 -19.63
CA ARG A 214 1.28 -16.08 -18.67
C ARG A 214 -0.13 -15.85 -18.19
N HIS A 215 -0.84 -14.89 -18.74
CA HIS A 215 -2.21 -14.66 -18.31
C HIS A 215 -3.14 -14.88 -19.51
N PRO A 216 -3.87 -15.98 -19.52
CA PRO A 216 -4.71 -16.33 -20.68
C PRO A 216 -5.87 -15.37 -20.86
N PRO A 217 -6.18 -15.02 -22.10
CA PRO A 217 -7.51 -14.43 -22.38
C PRO A 217 -8.60 -15.35 -21.90
N PRO A 218 -9.80 -14.81 -21.55
CA PRO A 218 -10.14 -13.38 -21.65
C PRO A 218 -9.77 -12.53 -20.44
N GLY A 219 -9.26 -13.13 -19.35
CA GLY A 219 -8.92 -12.32 -18.20
C GLY A 219 -7.81 -11.31 -18.47
N SER A 220 -7.00 -11.54 -19.49
CA SER A 220 -5.92 -10.62 -19.83
C SER A 220 -6.42 -9.38 -20.54
N HIS A 221 -7.70 -9.36 -20.96
CA HIS A 221 -8.19 -8.29 -21.84
C HIS A 221 -8.06 -6.94 -21.15
N GLN A 222 -7.23 -6.07 -21.73
CA GLN A 222 -7.02 -4.71 -21.22
C GLN A 222 -6.48 -4.73 -19.78
N LEU A 223 -5.85 -5.83 -19.39
CA LEU A 223 -5.58 -5.95 -17.95
C LEU A 223 -4.60 -4.89 -17.49
N TYR A 224 -3.58 -4.57 -18.31
CA TYR A 224 -2.60 -3.55 -17.89
C TYR A 224 -3.28 -2.20 -17.68
N ALA A 225 -4.12 -1.79 -18.64
CA ALA A 225 -4.87 -0.54 -18.52
C ALA A 225 -5.70 -0.54 -17.25
N LYS A 226 -6.35 -1.67 -16.95
CA LYS A 226 -7.15 -1.74 -15.73
C LYS A 226 -6.28 -1.59 -14.49
N MET A 227 -5.08 -2.20 -14.51
CA MET A 227 -4.24 -2.07 -13.33
C MET A 227 -3.79 -0.63 -13.17
N ILE A 228 -3.47 0.06 -14.28
CA ILE A 228 -3.04 1.44 -14.17
C ILE A 228 -4.19 2.31 -13.70
N GLN A 229 -5.43 1.99 -14.11
CA GLN A 229 -6.61 2.68 -13.57
C GLN A 229 -6.67 2.54 -12.05
N LYS A 230 -6.37 1.35 -11.52
CA LYS A 230 -6.32 1.19 -10.05
C LYS A 230 -5.29 2.10 -9.43
N LEU A 231 -4.17 2.37 -10.11
CA LEU A 231 -3.24 3.33 -9.49
C LEU A 231 -3.84 4.73 -9.49
N ALA A 232 -4.57 5.08 -10.55
CA ALA A 232 -5.29 6.35 -10.56
C ALA A 232 -6.33 6.41 -9.43
N ASP A 233 -7.14 5.34 -9.27
CA ASP A 233 -8.03 5.26 -8.11
C ASP A 233 -7.24 5.56 -6.82
N LEU A 234 -5.99 5.08 -6.73
CA LEU A 234 -5.22 5.26 -5.48
C LEU A 234 -4.72 6.70 -5.33
N ARG A 235 -4.47 7.42 -6.43
CA ARG A 235 -4.04 8.81 -6.26
C ARG A 235 -5.16 9.62 -5.62
N SER A 236 -6.40 9.41 -6.08
CA SER A 236 -7.58 10.09 -5.53
C SER A 236 -7.80 9.68 -4.07
N LEU A 237 -7.74 8.37 -3.79
CA LEU A 237 -7.84 7.90 -2.40
C LEU A 237 -6.75 8.54 -1.54
N ASN A 238 -5.57 8.75 -2.12
CA ASN A 238 -4.46 9.34 -1.37
C ASN A 238 -4.79 10.77 -0.97
N GLU A 239 -5.38 11.54 -1.91
CA GLU A 239 -5.68 12.95 -1.66
C GLU A 239 -6.73 13.11 -0.57
N GLU A 240 -7.76 12.25 -0.64
CA GLU A 240 -8.83 12.26 0.37
C GLU A 240 -8.30 11.81 1.73
N HIS A 241 -7.54 10.71 1.77
CA HIS A 241 -6.87 10.34 3.06
C HIS A 241 -6.13 11.52 3.68
N SER A 242 -5.30 12.23 2.91
CA SER A 242 -4.48 13.28 3.54
C SER A 242 -5.33 14.48 3.98
N LYS A 243 -6.43 14.76 3.28
CA LYS A 243 -7.35 15.78 3.78
C LYS A 243 -7.94 15.40 5.13
N GLN A 244 -8.48 14.18 5.25
CA GLN A 244 -9.08 13.77 6.52
C GLN A 244 -8.03 13.51 7.61
N TYR A 245 -6.82 13.10 7.22
CA TYR A 245 -5.74 13.00 8.17
C TYR A 245 -5.41 14.36 8.77
N ARG A 246 -5.27 15.40 7.92
CA ARG A 246 -4.87 16.71 8.43
C ARG A 246 -5.94 17.27 9.34
N SER A 247 -7.21 17.02 9.01
CA SER A 247 -8.31 17.38 9.89
C SER A 247 -8.20 16.63 11.22
N LEU A 248 -8.01 15.32 11.13
CA LEU A 248 -7.85 14.44 12.31
C LEU A 248 -6.72 14.94 13.22
N SER A 249 -5.52 15.10 12.67
CA SER A 249 -4.32 15.35 13.45
C SER A 249 -4.16 16.81 13.83
N PHE A 250 -4.99 17.71 13.30
CA PHE A 250 -5.00 19.09 13.82
C PHE A 250 -5.58 19.17 15.23
N GLN A 251 -6.34 18.17 15.65
CA GLN A 251 -6.81 18.11 17.04
C GLN A 251 -5.75 17.39 17.89
N PRO A 252 -5.08 18.06 18.82
CA PRO A 252 -3.99 17.37 19.57
C PRO A 252 -4.46 16.16 20.36
N GLU A 253 -5.68 16.16 20.87
CA GLU A 253 -6.27 14.95 21.46
C GLU A 253 -6.15 13.74 20.52
N ASN A 254 -6.32 13.94 19.20
CA ASN A 254 -6.22 12.82 18.26
C ASN A 254 -4.78 12.50 17.91
N SER A 255 -3.95 13.53 17.68
CA SER A 255 -2.50 13.32 17.46
C SER A 255 -1.89 12.42 18.53
N MET A 256 -2.32 12.60 19.77
CA MET A 256 -1.78 11.81 20.87
C MET A 256 -2.00 10.33 20.68
N LYS A 257 -3.02 9.94 19.94
CA LYS A 257 -3.32 8.53 19.82
C LYS A 257 -2.58 7.90 18.65
N LEU A 258 -1.89 8.70 17.85
CA LEU A 258 -1.13 8.23 16.70
C LEU A 258 0.22 7.71 17.18
N THR A 259 1.05 7.24 16.25
CA THR A 259 2.40 6.81 16.56
C THR A 259 3.44 7.77 15.98
N PRO A 260 4.66 7.77 16.53
CA PRO A 260 5.69 8.65 15.98
C PRO A 260 6.00 8.39 14.52
N LEU A 261 6.03 7.14 14.06
CA LEU A 261 6.25 6.89 12.60
C LEU A 261 5.11 7.43 11.74
N VAL A 262 3.86 7.19 12.15
CA VAL A 262 2.74 7.71 11.37
C VAL A 262 2.85 9.23 11.24
N LEU A 263 3.25 9.91 12.33
CA LEU A 263 3.40 11.37 12.30
C LEU A 263 4.49 11.83 11.34
N GLU A 264 5.66 11.19 11.39
CA GLU A 264 6.73 11.58 10.48
C GLU A 264 6.31 11.36 9.01
N VAL A 265 5.68 10.23 8.70
CA VAL A 265 5.31 9.92 7.32
C VAL A 265 4.15 10.79 6.86
N PHE A 266 3.05 10.84 7.63
CA PHE A 266 1.86 11.52 7.13
C PHE A 266 1.81 12.99 7.50
N GLY A 267 2.60 13.45 8.48
CA GLY A 267 2.77 14.88 8.70
C GLY A 267 2.44 15.40 10.09
N ASN A 268 3.04 16.53 10.43
CA ASN A 268 2.93 17.19 11.75
C ASN A 268 3.27 16.25 12.92
N ASN B 2 14.83 15.80 7.84
CA ASN B 2 13.72 15.91 8.78
C ASN B 2 12.97 14.58 8.96
N HIS B 3 13.63 13.45 8.64
CA HIS B 3 12.98 12.14 8.62
C HIS B 3 13.88 11.09 9.25
N PRO B 4 14.04 11.12 10.58
CA PRO B 4 14.97 10.17 11.23
C PRO B 4 14.52 8.71 11.15
N MET B 5 13.24 8.43 11.38
CA MET B 5 12.83 7.03 11.49
C MET B 5 12.72 6.39 10.12
N LEU B 6 12.25 7.16 9.13
CA LEU B 6 12.26 6.69 7.75
C LEU B 6 13.66 6.27 7.32
N MET B 7 14.65 7.16 7.50
CA MET B 7 16.00 6.89 7.01
C MET B 7 16.65 5.71 7.74
N ASN B 8 16.40 5.56 9.04
CA ASN B 8 16.86 4.37 9.77
C ASN B 8 16.26 3.10 9.21
N LEU B 9 14.95 3.13 8.90
CA LEU B 9 14.30 1.93 8.40
C LEU B 9 14.75 1.59 6.98
N LEU B 10 15.16 2.59 6.19
CA LEU B 10 15.62 2.35 4.82
C LEU B 10 17.05 1.83 4.75
N LYS B 11 17.66 1.53 5.90
CA LYS B 11 19.03 1.05 5.98
C LYS B 11 19.94 2.20 5.63
C13 A1MAZ C . -5.84 -2.28 6.63
C15 A1MAZ C . -6.16 3.96 6.88
C17 A1MAZ C . -5.85 5.19 8.96
C20 A1MAZ C . -4.45 -2.29 6.79
C21 A1MAZ C . -3.78 -3.50 7.00
C22 A1MAZ C . -4.50 -4.71 7.04
C24 A1MAZ C . -6.56 -3.48 6.67
C28 A1MAZ C . -2.62 -5.96 6.56
B02 A1MAZ C . -5.80 0.51 6.37
B04 A1MAZ C . -6.90 0.09 7.69
B05 A1MAZ C . -8.20 -0.90 7.03
B06 A1MAZ C . -9.10 0.08 5.84
B07 A1MAZ C . -7.90 -1.08 5.29
B08 A1MAZ C . -6.41 -0.22 4.89
B09 A1MAZ C . -6.68 1.49 5.20
B10 A1MAZ C . -8.35 1.68 5.79
B11 A1MAZ C . -7.99 0.50 4.52
B12 A1MAZ C . -8.49 0.82 7.34
C01 A1MAZ C . -6.62 -1.00 6.40
C03 A1MAZ C . -7.03 1.57 6.87
C14 A1MAZ C . -6.62 2.84 7.60
C16 A1MAZ C . -5.78 5.12 7.56
C18 A1MAZ C . -6.32 4.07 9.67
C19 A1MAZ C . -6.71 2.90 8.99
C23 A1MAZ C . -5.89 -4.68 6.88
C25 A1MAZ C . -5.41 6.51 9.67
C29 A1MAZ C . -2.06 -7.40 6.61
C30 A1MAZ C . -0.80 -7.43 7.50
C31 A1MAZ C . 0.22 -8.44 6.91
C32 A1MAZ C . 1.27 -8.81 7.98
C35 A1MAZ C . -3.88 6.48 9.89
C39 A1MAZ C . -6.12 6.69 11.04
F36 A1MAZ C . -3.51 5.32 10.50
F37 A1MAZ C . -3.48 7.55 10.65
F38 A1MAZ C . -3.25 6.58 8.67
F40 A1MAZ C . -7.47 6.55 10.88
F41 A1MAZ C . -5.67 5.78 11.95
F42 A1MAZ C . -5.88 7.94 11.52
O26 A1MAZ C . -5.71 7.61 8.84
O27 A1MAZ C . -3.85 -5.94 7.25
O33 A1MAZ C . 0.87 -9.30 9.07
O34 A1MAZ C . 2.49 -8.66 7.77
#